data_6WOA
#
_entry.id   6WOA
#
_cell.length_a   47.496
_cell.length_b   59.717
_cell.length_c   61.887
_cell.angle_alpha   90.000
_cell.angle_beta   90.000
_cell.angle_gamma   90.000
#
_symmetry.space_group_name_H-M   'P 21 21 21'
#
loop_
_entity.id
_entity.type
_entity.pdbx_description
1 polymer 'Diphosphoinositol polyphosphate phosphohydrolase 1'
2 non-polymer '(1s,2R,3S,4s,5R,6S)-2,3,4,5,6-pentakis(phosphonooxy)cyclohexyl trihydrogen diphosphate'
3 non-polymer 'MAGNESIUM ION'
4 non-polymer 'CHLORIDE ION'
5 non-polymer 'SULFATE ION'
6 non-polymer 'FLUORIDE ION'
7 water water
#
_entity_poly.entity_id   1
_entity_poly.type   'polypeptide(L)'
_entity_poly.pdbx_seq_one_letter_code
;HHHHHHSSGVDLGTENLYFQSMMKLKSNQTRTYDGDGYKKRAACLCFRSESEEEVLLVSSSRHPDRWIVPGGGMEPEEEP
SVAAVREVCEEAGVKGTLGRLVGIFENQERKHRTYVYVLIVTEVLEDWEDSVNIGRKREWFKIEDAIKVLQYHKPVQASY
FETLRQGYS
;
_entity_poly.pdbx_strand_id   A
#
# COMPACT_ATOMS: atom_id res chain seq x y z
N THR A 30 6.28 -3.35 -16.35
CA THR A 30 5.27 -3.01 -17.41
C THR A 30 4.00 -2.49 -16.74
N ARG A 31 3.66 -1.22 -16.96
CA ARG A 31 2.44 -0.61 -16.36
C ARG A 31 1.22 -1.09 -17.13
N THR A 32 0.11 -1.23 -16.42
CA THR A 32 -1.17 -1.69 -16.98
C THR A 32 -2.27 -0.69 -16.65
N TYR A 33 -3.32 -0.73 -17.46
CA TYR A 33 -4.35 0.31 -17.52
C TYR A 33 -5.74 -0.31 -17.71
N ASP A 34 -6.72 0.29 -17.04
CA ASP A 34 -8.14 -0.02 -17.33
C ASP A 34 -8.50 0.57 -18.70
N GLY A 35 -9.67 0.21 -19.21
CA GLY A 35 -10.09 0.63 -20.55
C GLY A 35 -10.26 2.15 -20.65
N ASP A 36 -10.43 2.84 -19.52
CA ASP A 36 -10.51 4.32 -19.50
C ASP A 36 -9.13 4.97 -19.35
N GLY A 37 -8.05 4.19 -19.37
CA GLY A 37 -6.68 4.75 -19.35
C GLY A 37 -6.16 4.99 -17.93
N TYR A 38 -6.92 4.66 -16.89
CA TYR A 38 -6.43 4.77 -15.50
C TYR A 38 -5.41 3.65 -15.24
N LYS A 39 -4.30 4.02 -14.60
CA LYS A 39 -3.26 3.04 -14.20
C LYS A 39 -3.85 2.10 -13.16
N LYS A 40 -3.66 0.80 -13.36
CA LYS A 40 -4.14 -0.23 -12.42
C LYS A 40 -3.12 -0.41 -11.30
N ARG A 41 -3.59 -0.36 -10.06
CA ARG A 41 -2.72 -0.47 -8.87
C ARG A 41 -3.37 -1.38 -7.83
N ALA A 42 -2.55 -1.88 -6.93
CA ALA A 42 -3.02 -2.62 -5.77
C ALA A 42 -2.16 -2.22 -4.58
N ALA A 43 -2.77 -2.20 -3.41
CA ALA A 43 -2.12 -1.77 -2.16
C ALA A 43 -2.70 -2.57 -1.02
N CYS A 44 -1.95 -2.63 0.08
CA CYS A 44 -2.48 -3.23 1.33
C CYS A 44 -2.38 -2.21 2.46
N LEU A 45 -3.42 -2.21 3.28
CA LEU A 45 -3.38 -1.69 4.65
C LEU A 45 -2.76 -2.79 5.51
N CYS A 46 -1.50 -2.61 5.84
CA CYS A 46 -0.67 -3.63 6.53
C CYS A 46 -0.80 -3.39 8.02
N PHE A 47 -1.64 -4.15 8.69
CA PHE A 47 -1.90 -3.95 10.13
C PHE A 47 -0.96 -4.83 10.97
N ARG A 48 -0.61 -4.32 12.14
CA ARG A 48 0.31 -5.00 13.07
C ARG A 48 -0.37 -6.25 13.63
N SER A 49 -1.69 -6.22 13.76
CA SER A 49 -2.48 -7.32 14.39
C SER A 49 -3.92 -7.29 13.85
N GLU A 50 -4.70 -8.31 14.20
CA GLU A 50 -6.11 -8.44 13.81
C GLU A 50 -6.96 -7.31 14.43
N SER A 51 -6.41 -6.57 15.40
N SER A 51 -6.42 -6.56 15.39
CA SER A 51 -7.08 -5.41 16.04
CA SER A 51 -7.12 -5.41 16.02
C SER A 51 -7.16 -4.23 15.05
C SER A 51 -7.15 -4.21 15.06
N GLU A 52 -6.28 -4.19 14.04
CA GLU A 52 -6.26 -3.15 12.97
C GLU A 52 -6.15 -1.76 13.61
N GLU A 53 -5.32 -1.62 14.65
CA GLU A 53 -5.09 -0.34 15.36
C GLU A 53 -3.86 0.39 14.82
N GLU A 54 -2.88 -0.35 14.27
CA GLU A 54 -1.61 0.23 13.81
C GLU A 54 -1.37 -0.27 12.40
N VAL A 55 -0.94 0.63 11.53
CA VAL A 55 -0.77 0.33 10.10
C VAL A 55 0.63 0.75 9.68
N LEU A 56 1.22 0.02 8.73
CA LEU A 56 2.58 0.30 8.27
C LEU A 56 2.53 1.22 7.06
N LEU A 57 3.16 2.40 7.16
CA LEU A 57 3.36 3.28 5.99
C LEU A 57 4.83 3.23 5.59
N VAL A 58 5.10 3.62 4.34
CA VAL A 58 6.47 3.65 3.80
C VAL A 58 6.76 5.06 3.28
N SER A 59 8.03 5.41 3.19
CA SER A 59 8.43 6.72 2.66
C SER A 59 8.19 6.75 1.15
N SER A 60 7.83 7.92 0.64
CA SER A 60 7.76 8.18 -0.81
C SER A 60 9.14 7.98 -1.42
N SER A 61 9.24 7.35 -2.59
CA SER A 61 10.53 7.15 -3.29
C SER A 61 11.12 8.50 -3.73
N ARG A 62 10.30 9.41 -4.25
CA ARG A 62 10.77 10.71 -4.82
C ARG A 62 10.96 11.73 -3.69
N HIS A 63 10.23 11.58 -2.58
CA HIS A 63 10.13 12.57 -1.48
C HIS A 63 10.20 11.84 -0.13
N PRO A 64 11.40 11.41 0.32
CA PRO A 64 11.51 10.53 1.49
C PRO A 64 10.98 11.08 2.82
N ASP A 65 10.69 12.38 2.90
CA ASP A 65 10.14 12.99 4.14
C ASP A 65 8.62 12.85 4.16
N ARG A 66 8.02 12.20 3.16
CA ARG A 66 6.56 11.99 3.07
C ARG A 66 6.25 10.51 3.29
N TRP A 67 5.08 10.22 3.85
CA TRP A 67 4.57 8.84 4.05
C TRP A 67 3.49 8.54 3.03
N ILE A 68 3.45 7.27 2.59
CA ILE A 68 2.44 6.75 1.64
C ILE A 68 2.06 5.34 2.10
N VAL A 69 0.96 4.85 1.56
CA VAL A 69 0.55 3.43 1.69
C VAL A 69 1.35 2.62 0.69
N PRO A 70 2.00 1.51 1.12
CA PRO A 70 2.71 0.67 0.17
C PRO A 70 1.74 0.03 -0.84
N GLY A 71 2.18 -0.01 -2.08
CA GLY A 71 1.33 -0.43 -3.19
C GLY A 71 1.98 -0.05 -4.50
N GLY A 72 1.37 -0.46 -5.59
CA GLY A 72 1.92 -0.07 -6.88
C GLY A 72 1.22 -0.72 -8.05
N GLY A 73 1.85 -0.62 -9.22
CA GLY A 73 1.20 -1.03 -10.46
C GLY A 73 1.00 -2.53 -10.53
N MET A 74 -0.16 -2.93 -11.02
CA MET A 74 -0.39 -4.36 -11.37
CA MET A 74 -0.41 -4.35 -11.39
C MET A 74 0.36 -4.68 -12.67
N GLU A 75 0.87 -5.89 -12.76
CA GLU A 75 1.58 -6.37 -13.98
C GLU A 75 0.54 -6.97 -14.92
N PRO A 76 0.88 -7.22 -16.20
CA PRO A 76 -0.06 -7.85 -17.12
C PRO A 76 -0.58 -9.19 -16.57
N GLU A 77 -1.91 -9.35 -16.62
CA GLU A 77 -2.66 -10.56 -16.23
C GLU A 77 -2.46 -10.90 -14.75
N GLU A 78 -1.96 -9.95 -13.96
CA GLU A 78 -1.70 -10.20 -12.52
C GLU A 78 -2.97 -9.96 -11.71
N GLU A 79 -3.40 -10.93 -10.90
CA GLU A 79 -4.56 -10.76 -10.00
C GLU A 79 -4.25 -9.61 -9.05
N PRO A 80 -5.25 -8.76 -8.74
CA PRO A 80 -5.00 -7.63 -7.86
C PRO A 80 -4.48 -8.03 -6.47
N SER A 81 -4.97 -9.14 -5.91
CA SER A 81 -4.55 -9.61 -4.57
C SER A 81 -3.08 -10.03 -4.62
N VAL A 82 -2.65 -10.59 -5.75
CA VAL A 82 -1.23 -11.02 -5.93
C VAL A 82 -0.35 -9.78 -6.08
N ALA A 83 -0.79 -8.80 -6.86
CA ALA A 83 -0.05 -7.53 -7.03
C ALA A 83 0.08 -6.83 -5.67
N ALA A 84 -0.98 -6.82 -4.87
CA ALA A 84 -0.97 -6.09 -3.58
C ALA A 84 0.11 -6.69 -2.68
N VAL A 85 0.12 -8.02 -2.57
CA VAL A 85 1.06 -8.76 -1.69
C VAL A 85 2.50 -8.54 -2.21
N ARG A 86 2.68 -8.61 -3.52
CA ARG A 86 4.02 -8.42 -4.12
C ARG A 86 4.53 -7.01 -3.83
N GLU A 87 3.69 -6.01 -4.04
CA GLU A 87 4.12 -4.61 -3.85
C GLU A 87 4.49 -4.36 -2.39
N VAL A 88 3.76 -4.91 -1.42
N VAL A 88 3.70 -4.89 -1.46
CA VAL A 88 4.07 -4.63 0.00
CA VAL A 88 3.97 -4.74 -0.02
C VAL A 88 5.30 -5.44 0.43
C VAL A 88 5.34 -5.35 0.28
N CYS A 89 5.60 -6.56 -0.23
CA CYS A 89 6.87 -7.25 -0.02
C CYS A 89 8.01 -6.33 -0.50
N GLU A 90 7.90 -5.82 -1.73
CA GLU A 90 8.95 -5.00 -2.38
C GLU A 90 9.15 -3.70 -1.60
N GLU A 91 8.06 -3.04 -1.24
CA GLU A 91 8.15 -1.64 -0.74
C GLU A 91 8.32 -1.60 0.78
N ALA A 92 7.67 -2.50 1.51
CA ALA A 92 7.58 -2.47 2.99
C ALA A 92 8.36 -3.61 3.63
N GLY A 93 8.72 -4.66 2.89
CA GLY A 93 9.49 -5.76 3.50
C GLY A 93 8.68 -6.51 4.54
N VAL A 94 7.38 -6.69 4.32
CA VAL A 94 6.52 -7.47 5.23
C VAL A 94 5.73 -8.49 4.42
N LYS A 95 5.37 -9.57 5.11
CA LYS A 95 4.47 -10.62 4.60
C LYS A 95 3.43 -10.88 5.67
N GLY A 96 2.32 -11.48 5.27
CA GLY A 96 1.30 -11.84 6.26
C GLY A 96 0.10 -12.49 5.65
N THR A 97 -1.00 -12.40 6.37
CA THR A 97 -2.26 -13.11 6.03
C THR A 97 -3.16 -12.12 5.28
N LEU A 98 -3.38 -12.35 3.99
CA LEU A 98 -4.21 -11.43 3.18
C LEU A 98 -5.65 -11.55 3.69
N GLY A 99 -6.24 -10.39 3.98
CA GLY A 99 -7.63 -10.27 4.40
C GLY A 99 -8.51 -9.77 3.28
N ARG A 100 -9.57 -9.06 3.66
N ARG A 100 -9.58 -9.07 3.66
CA ARG A 100 -10.68 -8.64 2.77
CA ARG A 100 -10.68 -8.66 2.75
C ARG A 100 -10.20 -7.57 1.78
C ARG A 100 -10.20 -7.59 1.78
N LEU A 101 -10.81 -7.53 0.60
CA LEU A 101 -10.77 -6.34 -0.27
C LEU A 101 -11.58 -5.26 0.45
N VAL A 102 -10.95 -4.12 0.68
CA VAL A 102 -11.61 -2.95 1.31
C VAL A 102 -12.46 -2.26 0.24
N GLY A 103 -11.89 -2.05 -0.94
CA GLY A 103 -12.60 -1.38 -2.02
C GLY A 103 -11.68 -1.05 -3.15
N ILE A 104 -12.24 -0.41 -4.17
CA ILE A 104 -11.53 0.05 -5.37
C ILE A 104 -11.63 1.57 -5.35
N PHE A 105 -10.49 2.22 -5.35
CA PHE A 105 -10.38 3.68 -5.08
C PHE A 105 -9.76 4.34 -6.28
N GLU A 106 -10.49 5.25 -6.89
N GLU A 106 -10.49 5.29 -6.88
CA GLU A 106 -9.93 6.06 -8.00
CA GLU A 106 -10.07 6.09 -8.05
C GLU A 106 -9.26 7.30 -7.43
C GLU A 106 -9.38 7.38 -7.56
N ASN A 107 -8.20 7.66 -8.10
CA ASN A 107 -7.55 8.98 -8.00
C ASN A 107 -7.79 9.69 -9.33
N GLN A 108 -8.80 10.56 -9.38
CA GLN A 108 -9.16 11.25 -10.64
C GLN A 108 -8.00 12.14 -11.11
N GLU A 109 -7.30 12.80 -10.18
CA GLU A 109 -6.24 13.79 -10.53
C GLU A 109 -5.09 13.08 -11.25
N ARG A 110 -4.68 11.92 -10.74
CA ARG A 110 -3.48 11.16 -11.21
C ARG A 110 -3.89 10.00 -12.12
N LYS A 111 -5.18 9.76 -12.31
CA LYS A 111 -5.73 8.70 -13.20
C LYS A 111 -5.19 7.34 -12.72
N HIS A 112 -5.46 7.02 -11.47
CA HIS A 112 -5.16 5.70 -10.87
C HIS A 112 -6.44 5.03 -10.44
N ARG A 113 -6.46 3.71 -10.49
CA ARG A 113 -7.56 2.93 -9.90
C ARG A 113 -6.92 1.80 -9.09
N THR A 114 -7.08 1.85 -7.78
CA THR A 114 -6.33 1.01 -6.83
C THR A 114 -7.28 0.06 -6.09
N TYR A 115 -6.96 -1.23 -6.14
CA TYR A 115 -7.58 -2.25 -5.29
C TYR A 115 -6.86 -2.24 -3.95
N VAL A 116 -7.59 -2.09 -2.86
CA VAL A 116 -6.98 -1.96 -1.52
C VAL A 116 -7.44 -3.15 -0.68
N TYR A 117 -6.49 -3.90 -0.16
CA TYR A 117 -6.73 -5.07 0.70
C TYR A 117 -6.22 -4.82 2.12
N VAL A 118 -6.83 -5.53 3.07
CA VAL A 118 -6.27 -5.71 4.43
C VAL A 118 -5.18 -6.80 4.36
N LEU A 119 -4.07 -6.55 5.02
CA LEU A 119 -3.02 -7.59 5.26
CA LEU A 119 -3.03 -7.59 5.26
C LEU A 119 -2.67 -7.55 6.75
N ILE A 120 -2.74 -8.70 7.42
CA ILE A 120 -2.30 -8.79 8.83
C ILE A 120 -0.85 -9.27 8.78
N VAL A 121 0.06 -8.39 9.19
CA VAL A 121 1.52 -8.66 9.09
C VAL A 121 1.90 -9.77 10.08
N THR A 122 2.58 -10.80 9.57
CA THR A 122 3.11 -11.90 10.42
C THR A 122 4.62 -12.04 10.28
N GLU A 123 5.22 -11.32 9.35
N GLU A 123 5.25 -11.42 9.28
CA GLU A 123 6.66 -11.43 9.05
CA GLU A 123 6.72 -11.52 9.07
C GLU A 123 7.18 -10.03 8.75
C GLU A 123 7.25 -10.14 8.69
N VAL A 124 8.23 -9.65 9.45
CA VAL A 124 8.93 -8.35 9.21
C VAL A 124 10.36 -8.68 8.82
N LEU A 125 10.71 -8.42 7.55
CA LEU A 125 12.03 -8.77 6.98
C LEU A 125 12.97 -7.56 7.12
N GLU A 126 14.26 -7.80 7.34
CA GLU A 126 15.17 -6.69 7.72
C GLU A 126 15.78 -5.98 6.51
N ASP A 127 16.00 -6.66 5.39
CA ASP A 127 16.77 -6.07 4.24
C ASP A 127 16.04 -6.32 2.92
N TRP A 128 14.96 -5.59 2.72
CA TRP A 128 13.96 -5.83 1.64
C TRP A 128 14.32 -4.98 0.42
N GLU A 129 13.69 -5.27 -0.70
CA GLU A 129 14.11 -4.74 -2.03
C GLU A 129 14.29 -3.22 -1.97
N ASP A 130 13.29 -2.47 -1.52
CA ASP A 130 13.37 -0.98 -1.60
C ASP A 130 14.29 -0.41 -0.51
N SER A 131 14.48 -1.10 0.62
N SER A 131 14.46 -1.09 0.62
CA SER A 131 15.47 -0.68 1.66
CA SER A 131 15.46 -0.69 1.64
C SER A 131 16.87 -0.76 1.07
C SER A 131 16.84 -0.73 0.99
N VAL A 132 17.20 -1.89 0.40
CA VAL A 132 18.52 -2.08 -0.26
C VAL A 132 18.68 -1.09 -1.42
N ASN A 133 17.65 -0.94 -2.26
CA ASN A 133 17.78 -0.28 -3.58
C ASN A 133 17.72 1.24 -3.43
N ILE A 134 16.83 1.78 -2.57
CA ILE A 134 16.61 3.26 -2.48
C ILE A 134 16.55 3.76 -1.03
N GLY A 135 16.83 2.92 -0.03
CA GLY A 135 16.79 3.32 1.38
C GLY A 135 15.38 3.71 1.81
N ARG A 136 14.36 3.06 1.26
CA ARG A 136 12.96 3.32 1.66
C ARG A 136 12.81 3.00 3.15
N LYS A 137 12.06 3.83 3.85
CA LYS A 137 11.77 3.73 5.29
C LYS A 137 10.36 3.15 5.48
N ARG A 138 10.11 2.59 6.65
CA ARG A 138 8.77 2.11 7.05
C ARG A 138 8.56 2.45 8.52
N GLU A 139 7.32 2.66 8.91
CA GLU A 139 6.97 3.03 10.29
C GLU A 139 5.52 2.63 10.58
N TRP A 140 5.28 2.15 11.79
CA TRP A 140 3.92 1.90 12.32
C TRP A 140 3.28 3.24 12.71
N PHE A 141 2.01 3.39 12.36
CA PHE A 141 1.15 4.54 12.74
C PHE A 141 -0.15 4.03 13.33
N LYS A 142 -0.61 4.62 14.43
CA LYS A 142 -2.04 4.52 14.79
C LYS A 142 -2.86 4.99 13.59
N ILE A 143 -4.02 4.38 13.37
CA ILE A 143 -4.87 4.70 12.19
C ILE A 143 -5.09 6.23 12.10
N GLU A 144 -5.46 6.89 13.20
CA GLU A 144 -5.74 8.35 13.17
C GLU A 144 -4.52 9.10 12.64
N ASP A 145 -3.31 8.70 13.04
CA ASP A 145 -2.06 9.41 12.67
C ASP A 145 -1.71 9.07 11.22
N ALA A 146 -1.98 7.85 10.76
CA ALA A 146 -1.76 7.52 9.35
C ALA A 146 -2.61 8.45 8.47
N ILE A 147 -3.89 8.58 8.79
CA ILE A 147 -4.81 9.46 8.03
C ILE A 147 -4.21 10.88 8.05
N LYS A 148 -3.78 11.35 9.21
CA LYS A 148 -3.22 12.72 9.31
C LYS A 148 -2.04 12.90 8.35
N VAL A 149 -1.07 12.00 8.31
CA VAL A 149 0.16 12.25 7.51
C VAL A 149 -0.10 12.03 6.03
N LEU A 150 -1.15 11.30 5.68
CA LEU A 150 -1.50 11.06 4.25
C LEU A 150 -2.30 12.23 3.67
N GLN A 151 -3.00 13.01 4.49
CA GLN A 151 -4.06 13.93 4.01
C GLN A 151 -3.50 14.94 2.99
N TYR A 152 -2.32 15.53 3.22
CA TYR A 152 -1.88 16.68 2.40
C TYR A 152 -1.58 16.26 0.95
N HIS A 153 -0.75 15.23 0.75
CA HIS A 153 -0.29 14.81 -0.60
C HIS A 153 -1.11 13.63 -1.12
N LYS A 154 -1.73 12.86 -0.24
CA LYS A 154 -2.34 11.55 -0.60
C LYS A 154 -3.74 11.46 -0.02
N PRO A 155 -4.64 12.42 -0.33
CA PRO A 155 -5.98 12.38 0.26
C PRO A 155 -6.76 11.12 -0.14
N VAL A 156 -6.51 10.56 -1.33
CA VAL A 156 -7.21 9.30 -1.71
C VAL A 156 -6.70 8.15 -0.82
N GLN A 157 -5.41 8.10 -0.54
CA GLN A 157 -4.88 7.05 0.36
C GLN A 157 -5.42 7.27 1.78
N ALA A 158 -5.57 8.51 2.23
CA ALA A 158 -6.23 8.76 3.54
C ALA A 158 -7.63 8.14 3.52
N SER A 159 -8.34 8.25 2.41
CA SER A 159 -9.73 7.72 2.28
C SER A 159 -9.76 6.20 2.32
N TYR A 160 -8.64 5.52 2.06
CA TYR A 160 -8.59 4.04 2.13
C TYR A 160 -9.07 3.58 3.53
N PHE A 161 -8.82 4.39 4.55
CA PHE A 161 -9.09 4.07 5.98
C PHE A 161 -10.51 4.46 6.41
N GLU A 162 -11.26 5.14 5.57
CA GLU A 162 -12.50 5.87 5.99
C GLU A 162 -13.52 4.87 6.52
N THR A 163 -13.59 3.66 5.95
CA THR A 163 -14.41 2.55 6.49
C THR A 163 -13.58 1.81 7.55
#